data_1Q71
#
_entry.id   1Q71
#
_entity_poly.entity_id   1
_entity_poly.type   'polypeptide(L)'
_entity_poly.pdbx_seq_one_letter_code
;GGAGHVPEYFVGIGTPISFYG
;
_entity_poly.pdbx_strand_id   A
#
# COMPACT_ATOMS: atom_id res chain seq x y z
N GLY A 1 -2.91 4.65 -2.53
CA GLY A 1 -2.76 6.06 -2.80
C GLY A 1 -2.93 6.93 -1.57
N GLY A 2 -2.40 6.47 -0.44
CA GLY A 2 -2.50 7.22 0.80
C GLY A 2 -1.95 6.46 1.98
N ALA A 3 -2.65 6.53 3.10
CA ALA A 3 -2.24 5.83 4.32
C ALA A 3 -3.46 5.37 5.10
N GLY A 4 -3.37 4.18 5.69
CA GLY A 4 -4.48 3.64 6.45
C GLY A 4 -4.23 2.21 6.87
N HIS A 5 -5.16 1.33 6.56
CA HIS A 5 -5.05 -0.08 6.91
C HIS A 5 -5.00 -0.95 5.66
N VAL A 6 -5.77 -0.57 4.65
CA VAL A 6 -5.82 -1.33 3.40
C VAL A 6 -4.73 -0.84 2.45
N PRO A 7 -3.82 -1.72 2.05
CA PRO A 7 -2.72 -1.38 1.14
C PRO A 7 -3.18 -1.05 -0.28
N GLU A 8 -2.57 -0.02 -0.87
CA GLU A 8 -2.91 0.40 -2.23
C GLU A 8 -1.97 -0.23 -3.25
N TYR A 9 -0.76 0.30 -3.34
CA TYR A 9 0.22 -0.20 -4.30
C TYR A 9 1.32 -1.00 -3.64
N PHE A 10 1.72 -2.08 -4.31
CA PHE A 10 2.78 -2.95 -3.82
C PHE A 10 3.95 -2.91 -4.80
N VAL A 11 5.16 -3.04 -4.29
CA VAL A 11 6.34 -3.02 -5.14
C VAL A 11 6.64 -4.41 -5.69
N GLY A 12 7.83 -4.57 -6.28
CA GLY A 12 8.22 -5.85 -6.86
C GLY A 12 8.19 -6.99 -5.87
N ILE A 13 8.67 -6.75 -4.67
CA ILE A 13 8.70 -7.78 -3.63
C ILE A 13 7.38 -7.84 -2.85
N GLY A 14 6.28 -7.54 -3.54
CA GLY A 14 4.96 -7.58 -2.93
C GLY A 14 4.84 -6.77 -1.65
N THR A 15 5.63 -5.72 -1.52
CA THR A 15 5.60 -4.89 -0.33
C THR A 15 4.83 -3.60 -0.62
N PRO A 16 3.75 -3.35 0.11
CA PRO A 16 2.94 -2.15 -0.07
C PRO A 16 3.54 -0.93 0.60
N ILE A 17 3.75 0.13 -0.17
CA ILE A 17 4.30 1.37 0.35
C ILE A 17 3.26 2.47 0.20
N SER A 18 2.01 2.09 0.45
CA SER A 18 0.88 2.99 0.37
C SER A 18 -0.38 2.26 0.81
N PHE A 19 -1.29 2.99 1.43
CA PHE A 19 -2.53 2.40 1.90
C PHE A 19 -3.70 3.28 1.46
N TYR A 20 -4.90 2.97 1.93
CA TYR A 20 -6.08 3.74 1.55
C TYR A 20 -6.75 4.30 2.79
N GLY A 21 -7.22 3.37 3.61
CA GLY A 21 -7.89 3.73 4.85
C GLY A 21 -7.85 2.57 5.80
N GLY A 1 -2.88 4.61 -2.54
CA GLY A 1 -2.70 6.03 -2.80
C GLY A 1 -2.71 6.87 -1.54
N GLY A 2 -2.11 6.37 -0.48
CA GLY A 2 -2.07 7.11 0.77
C GLY A 2 -1.48 6.28 1.90
N ALA A 3 -2.10 6.35 3.07
CA ALA A 3 -1.64 5.59 4.23
C ALA A 3 -2.83 5.16 5.08
N GLY A 4 -2.79 3.94 5.57
CA GLY A 4 -3.88 3.43 6.39
C GLY A 4 -3.71 1.96 6.71
N HIS A 5 -4.73 1.16 6.43
CA HIS A 5 -4.70 -0.26 6.72
C HIS A 5 -4.84 -1.09 5.44
N VAL A 6 -5.68 -0.63 4.52
CA VAL A 6 -5.89 -1.36 3.27
C VAL A 6 -4.87 -0.93 2.23
N PRO A 7 -3.99 -1.85 1.80
CA PRO A 7 -2.93 -1.57 0.82
C PRO A 7 -3.45 -1.15 -0.55
N GLU A 8 -2.80 -0.14 -1.12
CA GLU A 8 -3.13 0.35 -2.45
C GLU A 8 -2.22 -0.26 -3.50
N TYR A 9 -0.96 0.17 -3.51
CA TYR A 9 0.02 -0.33 -4.46
C TYR A 9 1.14 -1.05 -3.73
N PHE A 10 1.62 -2.12 -4.34
CA PHE A 10 2.70 -2.91 -3.77
C PHE A 10 3.96 -2.74 -4.62
N VAL A 11 5.11 -2.83 -3.98
CA VAL A 11 6.38 -2.71 -4.68
C VAL A 11 6.78 -4.03 -5.32
N GLY A 12 8.04 -4.11 -5.76
CA GLY A 12 8.53 -5.33 -6.40
C GLY A 12 8.44 -6.56 -5.52
N ILE A 13 8.79 -6.40 -4.24
CA ILE A 13 8.75 -7.51 -3.30
C ILE A 13 7.37 -7.67 -2.65
N GLY A 14 6.33 -7.37 -3.42
CA GLY A 14 4.95 -7.48 -2.96
C GLY A 14 4.68 -6.78 -1.63
N THR A 15 5.38 -5.69 -1.38
CA THR A 15 5.20 -4.95 -0.15
C THR A 15 4.41 -3.67 -0.42
N PRO A 16 3.30 -3.45 0.29
CA PRO A 16 2.47 -2.26 0.11
C PRO A 16 3.20 -0.97 0.48
N ILE A 17 3.24 -0.02 -0.44
CA ILE A 17 3.91 1.24 -0.19
C ILE A 17 2.89 2.38 -0.23
N SER A 18 1.67 2.02 0.12
CA SER A 18 0.55 2.94 0.17
C SER A 18 -0.70 2.21 0.62
N PHE A 19 -1.60 2.93 1.28
CA PHE A 19 -2.85 2.34 1.76
C PHE A 19 -4.00 3.32 1.55
N TYR A 20 -5.22 2.86 1.79
CA TYR A 20 -6.40 3.71 1.62
C TYR A 20 -6.73 4.40 2.93
N GLY A 21 -6.92 3.59 3.96
CA GLY A 21 -7.25 4.08 5.27
C GLY A 21 -7.29 2.93 6.25
N GLY A 1 -2.73 4.73 -2.17
CA GLY A 1 -2.57 6.17 -2.34
C GLY A 1 -2.12 6.88 -1.08
N GLY A 2 -2.74 6.56 0.05
CA GLY A 2 -2.40 7.19 1.31
C GLY A 2 -1.64 6.26 2.24
N ALA A 3 -2.04 6.27 3.50
CA ALA A 3 -1.41 5.42 4.51
C ALA A 3 -2.41 4.93 5.54
N GLY A 4 -3.54 4.42 5.04
CA GLY A 4 -4.58 3.92 5.92
C GLY A 4 -4.30 2.51 6.43
N HIS A 5 -5.24 1.60 6.22
CA HIS A 5 -5.10 0.23 6.69
C HIS A 5 -4.95 -0.76 5.53
N VAL A 6 -5.77 -0.62 4.50
CA VAL A 6 -5.69 -1.53 3.35
C VAL A 6 -4.72 -1.01 2.30
N PRO A 7 -3.72 -1.82 1.95
CA PRO A 7 -2.67 -1.44 0.97
C PRO A 7 -3.21 -1.07 -0.41
N GLU A 8 -2.62 -0.03 -0.99
CA GLU A 8 -2.99 0.45 -2.31
C GLU A 8 -2.08 -0.14 -3.38
N TYR A 9 -0.83 0.32 -3.40
CA TYR A 9 0.15 -0.14 -4.37
C TYR A 9 1.20 -1.01 -3.69
N PHE A 10 1.66 -2.02 -4.41
CA PHE A 10 2.67 -2.93 -3.87
C PHE A 10 3.88 -2.97 -4.79
N VAL A 11 5.06 -3.03 -4.20
CA VAL A 11 6.29 -3.12 -4.95
C VAL A 11 6.46 -4.56 -5.43
N GLY A 12 7.21 -4.75 -6.52
CA GLY A 12 7.43 -6.08 -7.07
C GLY A 12 7.90 -7.10 -6.04
N ILE A 13 8.62 -6.63 -5.04
CA ILE A 13 9.12 -7.51 -3.98
C ILE A 13 8.08 -7.73 -2.88
N GLY A 14 6.81 -7.70 -3.27
CA GLY A 14 5.72 -7.92 -2.34
C GLY A 14 5.74 -6.99 -1.14
N THR A 15 5.86 -5.70 -1.39
CA THR A 15 5.89 -4.72 -0.31
C THR A 15 4.97 -3.54 -0.59
N PRO A 16 3.95 -3.32 0.24
CA PRO A 16 3.00 -2.22 0.09
C PRO A 16 3.60 -0.89 0.54
N ILE A 17 3.48 0.14 -0.29
CA ILE A 17 4.03 1.46 0.06
C ILE A 17 2.95 2.53 0.00
N SER A 18 1.74 2.13 0.34
CA SER A 18 0.58 3.01 0.36
C SER A 18 -0.64 2.24 0.80
N PHE A 19 -1.62 2.93 1.38
CA PHE A 19 -2.84 2.29 1.85
C PHE A 19 -4.03 3.23 1.65
N TYR A 20 -5.23 2.71 1.77
CA TYR A 20 -6.44 3.51 1.61
C TYR A 20 -6.85 4.09 2.96
N GLY A 21 -8.02 3.67 3.44
CA GLY A 21 -8.49 4.12 4.73
C GLY A 21 -8.06 3.17 5.81
N GLY A 1 -2.75 4.89 -2.48
CA GLY A 1 -2.51 6.32 -2.69
C GLY A 1 -2.54 7.11 -1.40
N GLY A 2 -2.04 6.52 -0.33
CA GLY A 2 -2.01 7.21 0.95
C GLY A 2 -1.50 6.31 2.06
N ALA A 3 -2.14 6.39 3.23
CA ALA A 3 -1.75 5.57 4.37
C ALA A 3 -2.98 5.15 5.16
N GLY A 4 -2.98 3.91 5.63
CA GLY A 4 -4.10 3.40 6.38
C GLY A 4 -3.95 1.93 6.70
N HIS A 5 -4.97 1.14 6.40
CA HIS A 5 -4.95 -0.29 6.67
C HIS A 5 -4.97 -1.10 5.38
N VAL A 6 -5.81 -0.71 4.42
CA VAL A 6 -5.89 -1.43 3.16
C VAL A 6 -4.90 -0.88 2.14
N PRO A 7 -3.95 -1.70 1.70
CA PRO A 7 -2.90 -1.30 0.76
C PRO A 7 -3.42 -0.90 -0.62
N GLU A 8 -2.82 0.15 -1.18
CA GLU A 8 -3.17 0.65 -2.50
C GLU A 8 -2.31 0.00 -3.57
N TYR A 9 -1.04 0.40 -3.60
CA TYR A 9 -0.10 -0.13 -4.58
C TYR A 9 0.97 -0.96 -3.87
N PHE A 10 1.34 -2.07 -4.47
CA PHE A 10 2.35 -2.95 -3.91
C PHE A 10 3.61 -2.92 -4.78
N VAL A 11 4.74 -3.01 -4.13
CA VAL A 11 6.02 -3.02 -4.80
C VAL A 11 6.34 -4.45 -5.21
N GLY A 12 7.10 -4.62 -6.29
CA GLY A 12 7.46 -5.94 -6.79
C GLY A 12 8.10 -6.82 -5.72
N ILE A 13 8.70 -6.20 -4.72
CA ILE A 13 9.35 -6.94 -3.64
C ILE A 13 8.33 -7.38 -2.58
N GLY A 14 7.12 -7.68 -3.04
CA GLY A 14 6.05 -8.13 -2.16
C GLY A 14 5.82 -7.25 -0.95
N THR A 15 5.72 -5.95 -1.16
CA THR A 15 5.50 -5.02 -0.05
C THR A 15 4.74 -3.78 -0.51
N PRO A 16 3.65 -3.42 0.19
CA PRO A 16 2.84 -2.25 -0.14
C PRO A 16 3.39 -0.96 0.48
N ILE A 17 3.50 0.08 -0.32
CA ILE A 17 4.00 1.36 0.16
C ILE A 17 2.93 2.44 0.07
N SER A 18 1.70 2.03 0.33
CA SER A 18 0.56 2.93 0.28
C SER A 18 -0.70 2.20 0.71
N PHE A 19 -1.62 2.93 1.33
CA PHE A 19 -2.88 2.35 1.78
C PHE A 19 -4.01 3.34 1.55
N TYR A 20 -5.25 2.92 1.76
CA TYR A 20 -6.40 3.82 1.57
C TYR A 20 -6.79 4.44 2.89
N GLY A 21 -7.08 3.58 3.85
CA GLY A 21 -7.47 4.00 5.16
C GLY A 21 -7.53 2.81 6.09
N GLY A 1 -2.48 4.56 -2.30
CA GLY A 1 -2.26 5.96 -2.60
C GLY A 1 -1.47 6.68 -1.52
N GLY A 2 -1.82 6.45 -0.27
CA GLY A 2 -1.12 7.11 0.83
C GLY A 2 -1.05 6.24 2.07
N ALA A 3 -1.65 6.71 3.15
CA ALA A 3 -1.66 5.98 4.40
C ALA A 3 -3.08 5.62 4.81
N GLY A 4 -3.24 4.46 5.42
CA GLY A 4 -4.55 4.01 5.84
C GLY A 4 -4.49 2.66 6.53
N HIS A 5 -5.37 1.74 6.14
CA HIS A 5 -5.37 0.41 6.74
C HIS A 5 -5.20 -0.66 5.67
N VAL A 6 -5.98 -0.54 4.60
CA VAL A 6 -5.91 -1.50 3.51
C VAL A 6 -4.89 -1.04 2.46
N PRO A 7 -3.96 -1.93 2.06
CA PRO A 7 -2.91 -1.62 1.09
C PRO A 7 -3.45 -1.20 -0.29
N GLU A 8 -2.82 -0.18 -0.86
CA GLU A 8 -3.20 0.34 -2.16
C GLU A 8 -2.44 -0.40 -3.27
N TYR A 9 -1.16 -0.07 -3.40
CA TYR A 9 -0.33 -0.69 -4.43
C TYR A 9 0.90 -1.34 -3.82
N PHE A 10 1.29 -2.47 -4.39
CA PHE A 10 2.46 -3.21 -3.93
C PHE A 10 3.60 -3.01 -4.91
N VAL A 11 4.82 -3.02 -4.41
CA VAL A 11 5.98 -2.85 -5.25
C VAL A 11 6.51 -4.22 -5.70
N GLY A 12 7.57 -4.19 -6.50
CA GLY A 12 8.16 -5.42 -7.01
C GLY A 12 8.67 -6.35 -5.92
N ILE A 13 9.01 -5.78 -4.78
CA ILE A 13 9.52 -6.56 -3.65
C ILE A 13 8.37 -7.15 -2.82
N GLY A 14 7.26 -7.44 -3.50
CA GLY A 14 6.08 -8.01 -2.87
C GLY A 14 5.69 -7.32 -1.56
N THR A 15 5.72 -6.00 -1.56
CA THR A 15 5.38 -5.24 -0.36
C THR A 15 4.64 -3.96 -0.72
N PRO A 16 3.56 -3.66 0.01
CA PRO A 16 2.77 -2.47 -0.22
C PRO A 16 3.34 -1.24 0.48
N ILE A 17 3.54 -0.18 -0.28
CA ILE A 17 4.07 1.07 0.28
C ILE A 17 3.01 2.16 0.15
N SER A 18 1.78 1.75 0.39
CA SER A 18 0.64 2.65 0.32
C SER A 18 -0.60 1.95 0.86
N PHE A 19 -1.45 2.70 1.52
CA PHE A 19 -2.68 2.17 2.10
C PHE A 19 -3.77 3.25 2.06
N TYR A 20 -4.98 2.86 2.43
CA TYR A 20 -6.11 3.79 2.46
C TYR A 20 -7.15 3.36 3.47
N GLY A 21 -8.09 4.25 3.71
CA GLY A 21 -9.17 4.01 4.65
C GLY A 21 -8.72 4.14 6.10
N GLY A 1 -2.70 4.71 -2.59
CA GLY A 1 -2.35 6.10 -2.83
C GLY A 1 -2.24 6.93 -1.55
N GLY A 2 -1.71 6.32 -0.50
CA GLY A 2 -1.57 7.02 0.75
C GLY A 2 -1.09 6.10 1.86
N ALA A 3 -1.66 6.25 3.04
CA ALA A 3 -1.31 5.41 4.19
C ALA A 3 -2.54 5.09 5.01
N GLY A 4 -2.63 3.87 5.50
CA GLY A 4 -3.77 3.46 6.27
C GLY A 4 -3.74 1.99 6.63
N HIS A 5 -4.85 1.30 6.42
CA HIS A 5 -4.97 -0.11 6.73
C HIS A 5 -5.05 -0.96 5.46
N VAL A 6 -5.90 -0.56 4.52
CA VAL A 6 -6.05 -1.30 3.28
C VAL A 6 -5.08 -0.83 2.22
N PRO A 7 -4.22 -1.73 1.73
CA PRO A 7 -3.19 -1.42 0.73
C PRO A 7 -3.75 -0.99 -0.63
N GLU A 8 -3.10 0.02 -1.21
CA GLU A 8 -3.48 0.53 -2.53
C GLU A 8 -2.68 -0.20 -3.60
N TYR A 9 -1.39 0.07 -3.63
CA TYR A 9 -0.49 -0.56 -4.60
C TYR A 9 0.70 -1.16 -3.89
N PHE A 10 1.14 -2.31 -4.38
CA PHE A 10 2.28 -3.00 -3.79
C PHE A 10 3.55 -2.70 -4.58
N VAL A 11 4.67 -2.72 -3.89
CA VAL A 11 5.95 -2.47 -4.50
C VAL A 11 6.53 -3.79 -5.01
N GLY A 12 7.55 -3.70 -5.85
CA GLY A 12 8.18 -4.89 -6.42
C GLY A 12 8.68 -5.88 -5.38
N ILE A 13 8.95 -5.38 -4.18
CA ILE A 13 9.44 -6.25 -3.10
C ILE A 13 8.29 -6.98 -2.39
N GLY A 14 7.26 -7.30 -3.16
CA GLY A 14 6.09 -8.02 -2.65
C GLY A 14 5.54 -7.45 -1.35
N THR A 15 5.44 -6.12 -1.27
CA THR A 15 4.94 -5.46 -0.08
C THR A 15 4.18 -4.19 -0.44
N PRO A 16 3.07 -3.90 0.25
CA PRO A 16 2.27 -2.71 -0.01
C PRO A 16 3.02 -1.43 0.34
N ILE A 17 3.11 -0.51 -0.61
CA ILE A 17 3.81 0.74 -0.39
C ILE A 17 2.83 1.91 -0.43
N SER A 18 1.61 1.62 -0.02
CA SER A 18 0.53 2.60 0.01
C SER A 18 -0.75 1.97 0.52
N PHE A 19 -1.58 2.76 1.19
CA PHE A 19 -2.85 2.26 1.72
C PHE A 19 -3.91 3.35 1.58
N TYR A 20 -5.16 3.01 1.86
CA TYR A 20 -6.25 3.99 1.76
C TYR A 20 -6.52 4.63 3.11
N GLY A 21 -6.85 3.78 4.07
CA GLY A 21 -7.14 4.23 5.41
C GLY A 21 -7.35 3.04 6.32
N GLY A 1 -2.70 4.86 -2.47
CA GLY A 1 -2.44 6.27 -2.69
C GLY A 1 -2.50 7.09 -1.41
N GLY A 2 -2.01 6.51 -0.32
CA GLY A 2 -2.03 7.20 0.96
C GLY A 2 -1.51 6.33 2.08
N ALA A 3 -2.17 6.40 3.23
CA ALA A 3 -1.78 5.61 4.39
C ALA A 3 -3.02 5.18 5.17
N GLY A 4 -3.01 3.94 5.65
CA GLY A 4 -4.14 3.44 6.39
C GLY A 4 -3.98 1.97 6.73
N HIS A 5 -5.01 1.17 6.42
CA HIS A 5 -4.98 -0.26 6.70
C HIS A 5 -4.99 -1.07 5.41
N VAL A 6 -5.83 -0.68 4.44
CA VAL A 6 -5.92 -1.41 3.19
C VAL A 6 -4.92 -0.86 2.17
N PRO A 7 -3.96 -1.68 1.74
CA PRO A 7 -2.91 -1.28 0.79
C PRO A 7 -3.42 -0.91 -0.60
N GLU A 8 -2.82 0.14 -1.17
CA GLU A 8 -3.18 0.62 -2.50
C GLU A 8 -2.30 -0.05 -3.55
N TYR A 9 -1.03 0.33 -3.57
CA TYR A 9 -0.08 -0.22 -4.53
C TYR A 9 1.01 -0.99 -3.82
N PHE A 10 1.43 -2.08 -4.42
CA PHE A 10 2.47 -2.93 -3.86
C PHE A 10 3.72 -2.90 -4.73
N VAL A 11 4.86 -2.98 -4.10
CA VAL A 11 6.13 -3.01 -4.80
C VAL A 11 6.41 -4.44 -5.25
N GLY A 12 7.18 -4.60 -6.33
CA GLY A 12 7.50 -5.93 -6.84
C GLY A 12 8.12 -6.83 -5.79
N ILE A 13 8.73 -6.24 -4.77
CA ILE A 13 9.36 -6.99 -3.70
C ILE A 13 8.33 -7.43 -2.64
N GLY A 14 7.10 -7.67 -3.10
CA GLY A 14 6.02 -8.13 -2.23
C GLY A 14 5.81 -7.25 -1.00
N THR A 15 5.71 -5.94 -1.19
CA THR A 15 5.50 -5.04 -0.07
C THR A 15 4.71 -3.79 -0.49
N PRO A 16 3.64 -3.46 0.24
CA PRO A 16 2.80 -2.30 -0.06
C PRO A 16 3.41 -0.99 0.44
N ILE A 17 3.40 0.04 -0.40
CA ILE A 17 3.94 1.34 -0.02
C ILE A 17 2.89 2.43 -0.05
N SER A 18 1.66 2.04 0.27
CA SER A 18 0.53 2.95 0.29
C SER A 18 -0.73 2.22 0.72
N PHE A 19 -1.64 2.95 1.35
CA PHE A 19 -2.91 2.37 1.81
C PHE A 19 -4.03 3.37 1.57
N TYR A 20 -5.27 2.95 1.78
CA TYR A 20 -6.41 3.84 1.58
C TYR A 20 -6.82 4.46 2.90
N GLY A 21 -7.11 3.60 3.86
CA GLY A 21 -7.52 4.02 5.18
C GLY A 21 -7.57 2.83 6.10
N GLY A 1 -2.96 4.55 -2.61
CA GLY A 1 -2.79 5.97 -2.89
C GLY A 1 -2.72 6.83 -1.64
N GLY A 2 -2.08 6.31 -0.61
CA GLY A 2 -1.97 7.06 0.63
C GLY A 2 -1.36 6.22 1.74
N ALA A 3 -1.94 6.32 2.93
CA ALA A 3 -1.48 5.56 4.08
C ALA A 3 -2.66 5.14 4.94
N GLY A 4 -2.63 3.93 5.47
CA GLY A 4 -3.71 3.45 6.29
C GLY A 4 -3.58 1.98 6.65
N HIS A 5 -4.66 1.22 6.48
CA HIS A 5 -4.67 -0.19 6.81
C HIS A 5 -4.75 -1.06 5.54
N VAL A 6 -5.61 -0.66 4.61
CA VAL A 6 -5.77 -1.43 3.37
C VAL A 6 -4.78 -0.98 2.32
N PRO A 7 -3.91 -1.88 1.86
CA PRO A 7 -2.88 -1.57 0.85
C PRO A 7 -3.44 -1.19 -0.52
N GLU A 8 -2.83 -0.17 -1.12
CA GLU A 8 -3.22 0.31 -2.44
C GLU A 8 -2.35 -0.33 -3.51
N TYR A 9 -1.10 0.10 -3.57
CA TYR A 9 -0.14 -0.42 -4.55
C TYR A 9 1.02 -1.11 -3.86
N PHE A 10 1.48 -2.20 -4.46
CA PHE A 10 2.59 -2.97 -3.93
C PHE A 10 3.79 -2.82 -4.86
N VAL A 11 4.97 -2.62 -4.28
CA VAL A 11 6.19 -2.47 -5.08
C VAL A 11 7.39 -3.09 -4.34
N GLY A 12 8.22 -3.78 -5.10
CA GLY A 12 9.40 -4.40 -4.56
C GLY A 12 9.31 -5.91 -4.57
N ILE A 13 8.42 -6.41 -3.75
CA ILE A 13 8.17 -7.85 -3.61
C ILE A 13 6.77 -8.08 -3.07
N GLY A 14 5.80 -7.38 -3.65
CA GLY A 14 4.43 -7.49 -3.21
C GLY A 14 4.22 -6.76 -1.91
N THR A 15 5.15 -5.86 -1.61
CA THR A 15 5.10 -5.06 -0.41
C THR A 15 4.33 -3.78 -0.64
N PRO A 16 3.31 -3.51 0.18
CA PRO A 16 2.48 -2.31 0.06
C PRO A 16 3.25 -1.04 0.35
N ILE A 17 3.22 -0.10 -0.59
CA ILE A 17 3.91 1.17 -0.43
C ILE A 17 2.89 2.31 -0.46
N SER A 18 1.69 1.96 -0.04
CA SER A 18 0.56 2.88 0.01
C SER A 18 -0.67 2.16 0.53
N PHE A 19 -1.56 2.88 1.20
CA PHE A 19 -2.78 2.29 1.72
C PHE A 19 -3.94 3.28 1.58
N TYR A 20 -5.15 2.82 1.88
CA TYR A 20 -6.33 3.68 1.78
C TYR A 20 -6.63 4.34 3.12
N GLY A 21 -6.85 3.50 4.11
CA GLY A 21 -7.14 3.97 5.45
C GLY A 21 -7.24 2.79 6.39
N GLY A 1 -2.99 4.43 -2.36
CA GLY A 1 -2.81 5.85 -2.60
C GLY A 1 -2.77 6.67 -1.33
N GLY A 2 -2.09 6.16 -0.31
CA GLY A 2 -2.00 6.86 0.95
C GLY A 2 -1.25 6.06 1.98
N ALA A 3 -1.69 6.13 3.23
CA ALA A 3 -1.05 5.38 4.31
C ALA A 3 -2.06 4.98 5.37
N GLY A 4 -3.18 4.46 4.93
CA GLY A 4 -4.24 4.03 5.83
C GLY A 4 -3.98 2.64 6.41
N HIS A 5 -4.97 1.76 6.29
CA HIS A 5 -4.84 0.41 6.84
C HIS A 5 -4.82 -0.65 5.73
N VAL A 6 -5.70 -0.50 4.74
CA VAL A 6 -5.76 -1.48 3.65
C VAL A 6 -4.82 -1.07 2.51
N PRO A 7 -3.91 -1.97 2.12
CA PRO A 7 -2.92 -1.72 1.06
C PRO A 7 -3.52 -1.30 -0.28
N GLU A 8 -2.86 -0.33 -0.92
CA GLU A 8 -3.28 0.17 -2.22
C GLU A 8 -2.45 -0.47 -3.33
N TYR A 9 -1.19 -0.05 -3.42
CA TYR A 9 -0.30 -0.57 -4.45
C TYR A 9 0.90 -1.26 -3.83
N PHE A 10 1.30 -2.36 -4.44
CA PHE A 10 2.44 -3.14 -3.99
C PHE A 10 3.58 -2.97 -4.97
N VAL A 11 4.81 -2.97 -4.47
CA VAL A 11 5.97 -2.79 -5.34
C VAL A 11 7.26 -3.17 -4.63
N GLY A 12 8.23 -3.63 -5.41
CA GLY A 12 9.52 -4.04 -4.88
C GLY A 12 9.63 -5.53 -4.76
N ILE A 13 8.77 -6.09 -3.94
CA ILE A 13 8.69 -7.53 -3.70
C ILE A 13 7.30 -7.91 -3.24
N GLY A 14 6.29 -7.31 -3.86
CA GLY A 14 4.92 -7.58 -3.50
C GLY A 14 4.54 -6.89 -2.19
N THR A 15 5.40 -5.98 -1.76
CA THR A 15 5.19 -5.24 -0.54
C THR A 15 4.41 -3.96 -0.79
N PRO A 16 3.34 -3.72 -0.03
CA PRO A 16 2.51 -2.54 -0.19
C PRO A 16 3.20 -1.28 0.33
N ILE A 17 3.36 -0.30 -0.53
CA ILE A 17 4.00 0.96 -0.15
C ILE A 17 2.97 2.08 -0.21
N SER A 18 1.75 1.74 0.18
CA SER A 18 0.64 2.65 0.19
C SER A 18 -0.62 1.95 0.69
N PHE A 19 -1.49 2.69 1.35
CA PHE A 19 -2.73 2.13 1.88
C PHE A 19 -3.86 3.13 1.70
N TYR A 20 -5.09 2.69 1.88
CA TYR A 20 -6.25 3.57 1.74
C TYR A 20 -6.49 4.34 3.03
N GLY A 21 -7.63 4.06 3.67
CA GLY A 21 -7.95 4.70 4.92
C GLY A 21 -7.69 3.77 6.09
N GLY A 1 -2.92 4.81 -2.46
CA GLY A 1 -2.78 6.24 -2.68
C GLY A 1 -2.81 7.05 -1.38
N GLY A 2 -2.19 6.50 -0.34
CA GLY A 2 -2.17 7.19 0.94
C GLY A 2 -1.60 6.32 2.04
N ALA A 3 -2.23 6.36 3.21
CA ALA A 3 -1.80 5.56 4.35
C ALA A 3 -3.02 5.12 5.16
N GLY A 4 -2.98 3.88 5.64
CA GLY A 4 -4.09 3.36 6.41
C GLY A 4 -3.93 1.88 6.71
N HIS A 5 -4.97 1.10 6.40
CA HIS A 5 -4.95 -0.34 6.66
C HIS A 5 -5.00 -1.13 5.36
N VAL A 6 -5.81 -0.68 4.40
CA VAL A 6 -5.94 -1.39 3.13
C VAL A 6 -4.90 -0.88 2.14
N PRO A 7 -3.97 -1.75 1.72
CA PRO A 7 -2.89 -1.39 0.78
C PRO A 7 -3.37 -0.98 -0.61
N GLU A 8 -2.74 0.04 -1.16
CA GLU A 8 -3.07 0.55 -2.50
C GLU A 8 -2.11 -0.04 -3.53
N TYR A 9 -0.88 0.46 -3.54
CA TYR A 9 0.13 0.00 -4.49
C TYR A 9 1.15 -0.89 -3.79
N PHE A 10 1.59 -1.92 -4.49
CA PHE A 10 2.57 -2.85 -3.95
C PHE A 10 3.82 -2.86 -4.81
N VAL A 11 4.96 -2.99 -4.17
CA VAL A 11 6.25 -3.07 -4.86
C VAL A 11 6.47 -4.51 -5.28
N GLY A 12 7.26 -4.71 -6.34
CA GLY A 12 7.55 -6.05 -6.84
C GLY A 12 8.07 -6.99 -5.78
N ILE A 13 8.72 -6.46 -4.76
CA ILE A 13 9.25 -7.28 -3.68
C ILE A 13 8.20 -7.60 -2.62
N GLY A 14 6.96 -7.72 -3.06
CA GLY A 14 5.84 -8.07 -2.19
C GLY A 14 5.67 -7.16 -0.98
N THR A 15 5.59 -5.86 -1.20
CA THR A 15 5.40 -4.94 -0.08
C THR A 15 4.65 -3.68 -0.52
N PRO A 16 3.59 -3.31 0.21
CA PRO A 16 2.78 -2.14 -0.11
C PRO A 16 3.35 -0.84 0.48
N ILE A 17 3.47 0.18 -0.36
CA ILE A 17 4.00 1.47 0.10
C ILE A 17 2.93 2.54 0.06
N SER A 18 1.70 2.12 0.33
CA SER A 18 0.55 3.02 0.34
C SER A 18 -0.71 2.26 0.73
N PHE A 19 -1.64 2.97 1.37
CA PHE A 19 -2.89 2.36 1.80
C PHE A 19 -4.03 3.35 1.57
N TYR A 20 -5.27 2.90 1.78
CA TYR A 20 -6.43 3.76 1.60
C TYR A 20 -6.79 4.46 2.90
N GLY A 21 -7.02 3.65 3.91
CA GLY A 21 -7.37 4.14 5.22
C GLY A 21 -7.47 3.00 6.20
N GLY A 1 -2.58 4.34 -2.32
CA GLY A 1 -2.32 5.74 -2.62
C GLY A 1 -2.26 6.62 -1.38
N GLY A 2 -1.60 6.13 -0.34
CA GLY A 2 -1.48 6.89 0.88
C GLY A 2 -0.90 6.06 2.01
N ALA A 3 -1.39 6.28 3.23
CA ALA A 3 -0.92 5.53 4.39
C ALA A 3 -2.06 5.23 5.34
N GLY A 4 -3.14 4.70 4.77
CA GLY A 4 -4.31 4.35 5.57
C GLY A 4 -4.14 3.03 6.29
N HIS A 5 -5.07 2.10 6.07
CA HIS A 5 -5.00 0.80 6.72
C HIS A 5 -4.96 -0.34 5.71
N VAL A 6 -5.79 -0.25 4.68
CA VAL A 6 -5.84 -1.28 3.65
C VAL A 6 -4.84 -0.96 2.54
N PRO A 7 -3.99 -1.93 2.17
CA PRO A 7 -2.96 -1.75 1.13
C PRO A 7 -3.53 -1.33 -0.23
N GLU A 8 -2.86 -0.37 -0.86
CA GLU A 8 -3.28 0.12 -2.16
C GLU A 8 -2.53 -0.62 -3.27
N TYR A 9 -1.26 -0.30 -3.43
CA TYR A 9 -0.44 -0.93 -4.46
C TYR A 9 0.80 -1.57 -3.85
N PHE A 10 1.16 -2.72 -4.39
CA PHE A 10 2.33 -3.45 -3.93
C PHE A 10 3.44 -3.34 -4.97
N VAL A 11 4.65 -3.11 -4.51
CA VAL A 11 5.82 -2.98 -5.39
C VAL A 11 7.10 -3.36 -4.65
N GLY A 12 8.22 -3.24 -5.34
CA GLY A 12 9.52 -3.57 -4.77
C GLY A 12 9.76 -5.06 -4.67
N ILE A 13 8.81 -5.75 -4.11
CA ILE A 13 8.87 -7.20 -3.94
C ILE A 13 7.50 -7.72 -3.47
N GLY A 14 6.45 -7.12 -4.01
CA GLY A 14 5.11 -7.51 -3.66
C GLY A 14 4.66 -6.95 -2.32
N THR A 15 5.42 -6.00 -1.80
CA THR A 15 5.09 -5.37 -0.53
C THR A 15 4.34 -4.07 -0.78
N PRO A 16 3.27 -3.81 -0.01
CA PRO A 16 2.46 -2.60 -0.18
C PRO A 16 3.19 -1.35 0.30
N ILE A 17 3.34 -0.39 -0.58
CA ILE A 17 4.01 0.86 -0.26
C ILE A 17 2.99 2.00 -0.33
N SER A 18 1.78 1.68 0.11
CA SER A 18 0.67 2.62 0.12
C SER A 18 -0.57 1.95 0.69
N PHE A 19 -1.38 2.71 1.40
CA PHE A 19 -2.60 2.19 2.00
C PHE A 19 -3.69 3.25 2.03
N TYR A 20 -4.91 2.84 2.29
CA TYR A 20 -6.06 3.75 2.39
C TYR A 20 -7.03 3.26 3.44
N GLY A 21 -8.00 4.11 3.75
CA GLY A 21 -8.99 3.77 4.75
C GLY A 21 -8.37 3.53 6.11
N GLY A 1 -2.59 4.36 -2.31
CA GLY A 1 -2.34 5.77 -2.60
C GLY A 1 -2.29 6.64 -1.36
N GLY A 2 -1.63 6.16 -0.31
CA GLY A 2 -1.53 6.92 0.92
C GLY A 2 -0.93 6.09 2.03
N ALA A 3 -1.42 6.29 3.25
CA ALA A 3 -0.94 5.54 4.41
C ALA A 3 -2.08 5.22 5.36
N GLY A 4 -3.16 4.69 4.79
CA GLY A 4 -4.33 4.32 5.58
C GLY A 4 -4.14 3.00 6.30
N HIS A 5 -5.05 2.07 6.07
CA HIS A 5 -4.97 0.76 6.71
C HIS A 5 -4.93 -0.37 5.69
N VAL A 6 -5.76 -0.28 4.67
CA VAL A 6 -5.80 -1.31 3.63
C VAL A 6 -4.81 -0.98 2.52
N PRO A 7 -3.94 -1.94 2.17
CA PRO A 7 -2.92 -1.76 1.13
C PRO A 7 -3.48 -1.34 -0.23
N GLU A 8 -2.82 -0.37 -0.85
CA GLU A 8 -3.23 0.14 -2.15
C GLU A 8 -2.48 -0.59 -3.27
N TYR A 9 -1.21 -0.25 -3.43
CA TYR A 9 -0.39 -0.87 -4.47
C TYR A 9 0.84 -1.53 -3.86
N PHE A 10 1.19 -2.69 -4.40
CA PHE A 10 2.34 -3.44 -3.94
C PHE A 10 3.45 -3.35 -4.99
N VAL A 11 4.67 -3.14 -4.54
CA VAL A 11 5.83 -3.04 -5.42
C VAL A 11 7.10 -3.43 -4.68
N GLY A 12 8.24 -3.35 -5.38
CA GLY A 12 9.52 -3.69 -4.80
C GLY A 12 9.74 -5.17 -4.68
N ILE A 13 8.77 -5.84 -4.09
CA ILE A 13 8.81 -7.28 -3.90
C ILE A 13 7.45 -7.76 -3.41
N GLY A 14 6.39 -7.16 -3.96
CA GLY A 14 5.04 -7.52 -3.59
C GLY A 14 4.62 -6.93 -2.26
N THR A 15 5.39 -5.97 -1.77
CA THR A 15 5.07 -5.32 -0.52
C THR A 15 4.34 -4.00 -0.80
N PRO A 16 3.26 -3.72 -0.04
CA PRO A 16 2.47 -2.52 -0.23
C PRO A 16 3.20 -1.27 0.26
N ILE A 17 3.36 -0.30 -0.62
CA ILE A 17 4.02 0.95 -0.29
C ILE A 17 3.01 2.08 -0.34
N SER A 18 1.80 1.75 0.10
CA SER A 18 0.69 2.68 0.13
C SER A 18 -0.55 2.00 0.69
N PHE A 19 -1.38 2.75 1.41
CA PHE A 19 -2.59 2.19 2.00
C PHE A 19 -3.69 3.25 2.03
N TYR A 20 -4.91 2.81 2.28
CA TYR A 20 -6.05 3.71 2.39
C TYR A 20 -7.03 3.21 3.44
N GLY A 21 -8.00 4.04 3.75
CA GLY A 21 -8.99 3.69 4.74
C GLY A 21 -8.37 3.46 6.10
N GLY A 1 -2.62 4.60 -2.50
CA GLY A 1 -2.32 6.00 -2.76
C GLY A 1 -1.68 6.71 -1.59
N GLY A 2 -2.22 6.51 -0.39
CA GLY A 2 -1.68 7.17 0.78
C GLY A 2 -1.26 6.20 1.86
N ALA A 3 -1.76 6.42 3.07
CA ALA A 3 -1.44 5.56 4.20
C ALA A 3 -2.70 5.23 4.98
N GLY A 4 -2.78 4.01 5.48
CA GLY A 4 -3.96 3.60 6.23
C GLY A 4 -3.89 2.14 6.64
N HIS A 5 -4.99 1.42 6.44
CA HIS A 5 -5.07 0.01 6.81
C HIS A 5 -5.08 -0.89 5.58
N VAL A 6 -5.91 -0.55 4.60
CA VAL A 6 -6.02 -1.34 3.38
C VAL A 6 -5.02 -0.88 2.33
N PRO A 7 -4.15 -1.79 1.88
CA PRO A 7 -3.10 -1.50 0.88
C PRO A 7 -3.64 -1.08 -0.49
N GLU A 8 -2.97 -0.10 -1.09
CA GLU A 8 -3.34 0.39 -2.41
C GLU A 8 -2.55 -0.35 -3.48
N TYR A 9 -1.26 -0.04 -3.55
CA TYR A 9 -0.38 -0.66 -4.54
C TYR A 9 0.86 -1.24 -3.86
N PHE A 10 1.29 -2.39 -4.35
CA PHE A 10 2.47 -3.05 -3.82
C PHE A 10 3.68 -2.74 -4.67
N VAL A 11 4.85 -2.72 -4.04
CA VAL A 11 6.08 -2.45 -4.75
C VAL A 11 6.66 -3.76 -5.31
N GLY A 12 7.71 -3.66 -6.11
CA GLY A 12 8.34 -4.82 -6.73
C GLY A 12 9.11 -5.72 -5.78
N ILE A 13 8.57 -5.94 -4.61
CA ILE A 13 9.22 -6.82 -3.63
C ILE A 13 8.17 -7.41 -2.67
N GLY A 14 6.96 -7.57 -3.20
CA GLY A 14 5.86 -8.17 -2.45
C GLY A 14 5.48 -7.45 -1.17
N THR A 15 5.39 -6.13 -1.21
CA THR A 15 5.01 -5.37 -0.03
C THR A 15 4.31 -4.07 -0.43
N PRO A 16 3.21 -3.71 0.24
CA PRO A 16 2.45 -2.50 -0.06
C PRO A 16 3.11 -1.24 0.48
N ILE A 17 3.30 -0.26 -0.40
CA ILE A 17 3.90 1.01 0.00
C ILE A 17 2.87 2.11 -0.16
N SER A 18 1.63 1.77 0.19
CA SER A 18 0.51 2.70 0.11
C SER A 18 -0.76 2.02 0.62
N PHE A 19 -1.64 2.81 1.22
CA PHE A 19 -2.90 2.30 1.75
C PHE A 19 -3.99 3.35 1.55
N TYR A 20 -5.24 2.97 1.83
CA TYR A 20 -6.35 3.91 1.67
C TYR A 20 -6.68 4.57 3.00
N GLY A 21 -7.01 3.74 3.97
CA GLY A 21 -7.37 4.21 5.29
C GLY A 21 -7.55 3.04 6.22
N GLY A 1 -2.53 4.73 -2.29
CA GLY A 1 -2.29 6.13 -2.56
C GLY A 1 -1.49 6.83 -1.47
N GLY A 2 -1.86 6.59 -0.22
CA GLY A 2 -1.16 7.23 0.88
C GLY A 2 -0.93 6.30 2.05
N ALA A 3 -1.46 6.67 3.21
CA ALA A 3 -1.33 5.86 4.41
C ALA A 3 -2.69 5.59 5.01
N GLY A 4 -2.86 4.40 5.57
CA GLY A 4 -4.14 4.04 6.16
C GLY A 4 -4.14 2.63 6.73
N HIS A 5 -5.09 1.82 6.30
CA HIS A 5 -5.18 0.44 6.81
C HIS A 5 -5.02 -0.57 5.69
N VAL A 6 -5.87 -0.49 4.67
CA VAL A 6 -5.82 -1.42 3.56
C VAL A 6 -4.86 -0.91 2.48
N PRO A 7 -3.92 -1.75 2.05
CA PRO A 7 -2.91 -1.38 1.04
C PRO A 7 -3.49 -1.00 -0.32
N GLU A 8 -2.87 0.02 -0.93
CA GLU A 8 -3.28 0.51 -2.24
C GLU A 8 -2.50 -0.22 -3.33
N TYR A 9 -1.21 0.09 -3.43
CA TYR A 9 -0.35 -0.52 -4.44
C TYR A 9 0.86 -1.19 -3.79
N PHE A 10 1.28 -2.30 -4.37
CA PHE A 10 2.41 -3.06 -3.87
C PHE A 10 3.59 -2.89 -4.83
N VAL A 11 4.80 -2.95 -4.29
CA VAL A 11 5.99 -2.83 -5.11
C VAL A 11 6.48 -4.22 -5.53
N GLY A 12 7.52 -4.24 -6.36
CA GLY A 12 8.07 -5.50 -6.83
C GLY A 12 8.61 -6.38 -5.72
N ILE A 13 8.92 -5.77 -4.58
CA ILE A 13 9.46 -6.51 -3.44
C ILE A 13 8.34 -7.15 -2.62
N GLY A 14 7.24 -7.48 -3.29
CA GLY A 14 6.09 -8.11 -2.66
C GLY A 14 5.63 -7.44 -1.37
N THR A 15 5.55 -6.11 -1.38
CA THR A 15 5.12 -5.38 -0.21
C THR A 15 4.42 -4.08 -0.60
N PRO A 16 3.34 -3.72 0.11
CA PRO A 16 2.58 -2.50 -0.17
C PRO A 16 3.35 -1.23 0.21
N ILE A 17 3.24 -0.22 -0.62
CA ILE A 17 3.94 1.04 -0.36
C ILE A 17 2.92 2.19 -0.32
N SER A 18 1.72 1.84 0.11
CA SER A 18 0.63 2.79 0.22
C SER A 18 -0.61 2.09 0.77
N PHE A 19 -1.46 2.85 1.46
CA PHE A 19 -2.70 2.31 2.03
C PHE A 19 -3.77 3.39 2.00
N TYR A 20 -5.01 3.03 2.32
CA TYR A 20 -6.11 3.97 2.34
C TYR A 20 -7.04 3.70 3.55
N GLY A 21 -8.31 3.42 3.29
CA GLY A 21 -9.23 3.15 4.37
C GLY A 21 -8.82 1.97 5.22
N GLY A 1 -2.62 4.44 -2.57
CA GLY A 1 -2.31 5.83 -2.88
C GLY A 1 -2.34 6.73 -1.66
N GLY A 2 -1.87 6.21 -0.53
CA GLY A 2 -1.84 7.00 0.69
C GLY A 2 -1.29 6.19 1.85
N ALA A 3 -1.93 6.31 3.01
CA ALA A 3 -1.49 5.58 4.20
C ALA A 3 -2.70 5.20 5.05
N GLY A 4 -2.69 3.98 5.55
CA GLY A 4 -3.80 3.51 6.37
C GLY A 4 -3.67 2.05 6.74
N HIS A 5 -4.71 1.28 6.50
CA HIS A 5 -4.71 -0.14 6.83
C HIS A 5 -4.90 -1.00 5.58
N VAL A 6 -5.72 -0.53 4.65
CA VAL A 6 -5.97 -1.28 3.42
C VAL A 6 -4.93 -0.93 2.36
N PRO A 7 -4.12 -1.91 1.93
CA PRO A 7 -3.06 -1.72 0.93
C PRO A 7 -3.58 -1.28 -0.44
N GLU A 8 -2.92 -0.28 -1.02
CA GLU A 8 -3.28 0.22 -2.33
C GLU A 8 -2.52 -0.51 -3.42
N TYR A 9 -1.22 -0.23 -3.51
CA TYR A 9 -0.37 -0.86 -4.52
C TYR A 9 0.86 -1.45 -3.89
N PHE A 10 1.30 -2.59 -4.42
CA PHE A 10 2.49 -3.28 -3.93
C PHE A 10 3.60 -3.15 -4.96
N VAL A 11 4.81 -2.84 -4.50
CA VAL A 11 5.95 -2.68 -5.39
C VAL A 11 7.25 -3.10 -4.70
N GLY A 12 8.17 -3.67 -5.49
CA GLY A 12 9.45 -4.10 -4.97
C GLY A 12 9.50 -5.59 -4.70
N ILE A 13 8.65 -6.02 -3.81
CA ILE A 13 8.56 -7.43 -3.42
C ILE A 13 7.15 -7.77 -2.96
N GLY A 14 6.17 -7.22 -3.66
CA GLY A 14 4.78 -7.46 -3.29
C GLY A 14 4.40 -6.83 -1.98
N THR A 15 5.14 -5.80 -1.59
CA THR A 15 4.87 -5.09 -0.36
C THR A 15 4.16 -3.77 -0.66
N PRO A 16 3.08 -3.47 0.08
CA PRO A 16 2.32 -2.25 -0.13
C PRO A 16 3.00 -1.01 0.42
N ILE A 17 3.34 -0.11 -0.47
CA ILE A 17 3.99 1.15 -0.08
C ILE A 17 2.98 2.28 -0.11
N SER A 18 1.74 1.91 0.15
CA SER A 18 0.63 2.85 0.17
C SER A 18 -0.65 2.14 0.60
N PHE A 19 -1.51 2.85 1.29
CA PHE A 19 -2.78 2.29 1.76
C PHE A 19 -3.91 3.29 1.54
N TYR A 20 -5.13 2.87 1.79
CA TYR A 20 -6.28 3.75 1.61
C TYR A 20 -6.60 4.48 2.91
N GLY A 21 -6.83 3.70 3.94
CA GLY A 21 -7.15 4.23 5.24
C GLY A 21 -7.22 3.12 6.26
N GLY A 1 -2.47 4.58 -2.30
CA GLY A 1 -2.26 5.98 -2.66
C GLY A 1 -2.22 6.91 -1.46
N GLY A 2 -1.66 6.45 -0.35
CA GLY A 2 -1.59 7.28 0.83
C GLY A 2 -1.26 6.48 2.07
N ALA A 3 -1.94 6.78 3.17
CA ALA A 3 -1.75 6.07 4.42
C ALA A 3 -3.09 5.64 5.00
N GLY A 4 -3.12 4.46 5.59
CA GLY A 4 -4.36 3.95 6.16
C GLY A 4 -4.17 2.59 6.79
N HIS A 5 -5.02 1.65 6.39
CA HIS A 5 -4.95 0.29 6.93
C HIS A 5 -4.86 -0.74 5.79
N VAL A 6 -5.66 -0.55 4.76
CA VAL A 6 -5.65 -1.47 3.62
C VAL A 6 -4.62 -1.00 2.59
N PRO A 7 -3.72 -1.90 2.17
CA PRO A 7 -2.67 -1.57 1.20
C PRO A 7 -3.20 -1.17 -0.18
N GLU A 8 -2.60 -0.13 -0.75
CA GLU A 8 -2.98 0.36 -2.07
C GLU A 8 -2.19 -0.34 -3.16
N TYR A 9 -0.91 0.02 -3.28
CA TYR A 9 -0.04 -0.57 -4.29
C TYR A 9 1.17 -1.24 -3.66
N PHE A 10 1.59 -2.35 -4.26
CA PHE A 10 2.73 -3.10 -3.79
C PHE A 10 3.87 -2.98 -4.80
N VAL A 11 5.10 -3.03 -4.32
CA VAL A 11 6.26 -2.95 -5.18
C VAL A 11 6.60 -4.33 -5.77
N GLY A 12 7.78 -4.43 -6.38
CA GLY A 12 8.20 -5.69 -6.97
C GLY A 12 8.25 -6.84 -5.99
N ILE A 13 8.74 -6.57 -4.79
CA ILE A 13 8.84 -7.60 -3.76
C ILE A 13 7.56 -7.71 -2.93
N GLY A 14 6.43 -7.47 -3.59
CA GLY A 14 5.12 -7.56 -2.94
C GLY A 14 5.01 -6.76 -1.65
N THR A 15 5.70 -5.64 -1.58
CA THR A 15 5.65 -4.80 -0.40
C THR A 15 4.81 -3.56 -0.67
N PRO A 16 3.74 -3.34 0.11
CA PRO A 16 2.87 -2.18 -0.07
C PRO A 16 3.53 -0.88 0.41
N ILE A 17 3.56 0.10 -0.48
CA ILE A 17 4.15 1.39 -0.15
C ILE A 17 3.09 2.48 -0.14
N SER A 18 1.90 2.09 0.29
CA SER A 18 0.76 2.99 0.36
C SER A 18 -0.45 2.23 0.90
N PHE A 19 -1.31 2.93 1.63
CA PHE A 19 -2.51 2.32 2.20
C PHE A 19 -3.67 3.30 2.19
N TYR A 20 -4.84 2.83 2.58
CA TYR A 20 -6.04 3.66 2.64
C TYR A 20 -7.07 3.01 3.57
N GLY A 21 -8.32 3.41 3.43
CA GLY A 21 -9.37 2.85 4.24
C GLY A 21 -10.71 3.46 3.88
N GLY A 1 -2.68 4.79 -2.18
CA GLY A 1 -2.55 6.21 -2.41
C GLY A 1 -1.75 6.94 -1.35
N GLY A 2 -2.02 6.63 -0.08
CA GLY A 2 -1.32 7.31 1.00
C GLY A 2 -1.12 6.42 2.21
N ALA A 3 -1.69 6.83 3.33
CA ALA A 3 -1.59 6.08 4.57
C ALA A 3 -2.97 5.64 5.05
N GLY A 4 -3.04 4.46 5.63
CA GLY A 4 -4.29 3.94 6.12
C GLY A 4 -4.13 2.57 6.76
N HIS A 5 -4.86 1.59 6.24
CA HIS A 5 -4.80 0.23 6.76
C HIS A 5 -4.78 -0.78 5.62
N VAL A 6 -5.62 -0.56 4.62
CA VAL A 6 -5.67 -1.45 3.47
C VAL A 6 -4.67 -0.98 2.41
N PRO A 7 -3.79 -1.87 1.95
CA PRO A 7 -2.76 -1.54 0.96
C PRO A 7 -3.32 -1.09 -0.39
N GLU A 8 -2.72 -0.02 -0.93
CA GLU A 8 -3.12 0.53 -2.23
C GLU A 8 -2.29 -0.11 -3.34
N TYR A 9 -1.04 0.33 -3.46
CA TYR A 9 -0.14 -0.19 -4.47
C TYR A 9 0.95 -1.02 -3.82
N PHE A 10 1.33 -2.10 -4.48
CA PHE A 10 2.36 -2.99 -3.98
C PHE A 10 3.61 -2.90 -4.82
N VAL A 11 4.75 -3.00 -4.17
CA VAL A 11 6.04 -2.97 -4.84
C VAL A 11 6.38 -4.38 -5.30
N GLY A 12 7.16 -4.49 -6.37
CA GLY A 12 7.55 -5.79 -6.90
C GLY A 12 8.20 -6.69 -5.87
N ILE A 13 8.76 -6.09 -4.83
CA ILE A 13 9.41 -6.85 -3.76
C ILE A 13 8.38 -7.37 -2.74
N GLY A 14 7.19 -7.67 -3.24
CA GLY A 14 6.11 -8.21 -2.41
C GLY A 14 5.82 -7.38 -1.16
N THR A 15 5.71 -6.06 -1.31
CA THR A 15 5.43 -5.20 -0.17
C THR A 15 4.67 -3.95 -0.60
N PRO A 16 3.61 -3.58 0.13
CA PRO A 16 2.79 -2.41 -0.17
C PRO A 16 3.54 -1.11 0.13
N ILE A 17 3.35 -0.10 -0.72
CA ILE A 17 4.02 1.18 -0.53
C ILE A 17 2.98 2.31 -0.46
N SER A 18 1.81 1.95 0.04
CA SER A 18 0.70 2.89 0.18
C SER A 18 -0.50 2.15 0.77
N PHE A 19 -1.32 2.88 1.52
CA PHE A 19 -2.51 2.30 2.14
C PHE A 19 -3.65 3.32 2.17
N TYR A 20 -4.82 2.85 2.57
CA TYR A 20 -6.01 3.70 2.68
C TYR A 20 -7.03 3.03 3.60
N GLY A 21 -8.28 3.46 3.51
CA GLY A 21 -9.33 2.90 4.33
C GLY A 21 -10.65 3.56 4.03
N GLY A 1 -2.87 4.51 -2.42
CA GLY A 1 -2.71 5.92 -2.70
C GLY A 1 -2.60 6.77 -1.44
N GLY A 2 -1.87 6.28 -0.45
CA GLY A 2 -1.70 7.01 0.79
C GLY A 2 -1.22 6.12 1.91
N ALA A 3 -1.80 6.30 3.09
CA ALA A 3 -1.44 5.51 4.26
C ALA A 3 -2.70 5.17 5.04
N GLY A 4 -2.76 3.96 5.56
CA GLY A 4 -3.92 3.54 6.31
C GLY A 4 -3.84 2.09 6.75
N HIS A 5 -4.80 1.29 6.32
CA HIS A 5 -4.84 -0.12 6.67
C HIS A 5 -4.93 -1.04 5.45
N VAL A 6 -5.75 -0.67 4.47
CA VAL A 6 -5.91 -1.49 3.26
C VAL A 6 -4.87 -1.11 2.22
N PRO A 7 -4.02 -2.05 1.81
CA PRO A 7 -2.95 -1.80 0.83
C PRO A 7 -3.47 -1.34 -0.54
N GLU A 8 -2.85 -0.29 -1.07
CA GLU A 8 -3.21 0.25 -2.37
C GLU A 8 -2.34 -0.37 -3.45
N TYR A 9 -1.08 0.07 -3.51
CA TYR A 9 -0.14 -0.44 -4.49
C TYR A 9 1.02 -1.12 -3.79
N PHE A 10 1.52 -2.20 -4.40
CA PHE A 10 2.62 -2.95 -3.84
C PHE A 10 3.89 -2.70 -4.65
N VAL A 11 5.01 -2.71 -3.97
CA VAL A 11 6.30 -2.52 -4.61
C VAL A 11 6.74 -3.83 -5.26
N GLY A 12 7.74 -3.75 -6.15
CA GLY A 12 8.23 -4.91 -6.86
C GLY A 12 8.99 -5.91 -6.01
N ILE A 13 8.51 -6.16 -4.82
CA ILE A 13 9.13 -7.12 -3.91
C ILE A 13 8.10 -7.61 -2.88
N GLY A 14 6.85 -7.61 -3.30
CA GLY A 14 5.77 -8.09 -2.45
C GLY A 14 5.60 -7.31 -1.16
N THR A 15 5.48 -5.99 -1.27
CA THR A 15 5.32 -5.15 -0.09
C THR A 15 4.48 -3.92 -0.42
N PRO A 16 3.41 -3.68 0.34
CA PRO A 16 2.52 -2.53 0.11
C PRO A 16 3.21 -1.21 0.46
N ILE A 17 3.22 -0.28 -0.47
CA ILE A 17 3.85 1.02 -0.25
C ILE A 17 2.81 2.14 -0.30
N SER A 18 1.61 1.79 0.13
CA SER A 18 0.49 2.72 0.17
C SER A 18 -0.74 2.00 0.70
N PHE A 19 -1.61 2.72 1.39
CA PHE A 19 -2.83 2.13 1.94
C PHE A 19 -3.96 3.14 1.96
N TYR A 20 -5.19 2.64 2.12
CA TYR A 20 -6.37 3.49 2.20
C TYR A 20 -6.73 3.72 3.67
N GLY A 21 -7.56 4.71 3.90
CA GLY A 21 -7.99 5.02 5.24
C GLY A 21 -9.12 6.02 5.23
N GLY A 1 -2.50 4.65 -2.08
CA GLY A 1 -2.26 6.05 -2.33
C GLY A 1 -1.66 6.80 -1.16
N GLY A 2 -2.19 6.57 0.05
CA GLY A 2 -1.68 7.25 1.22
C GLY A 2 -1.14 6.32 2.28
N ALA A 3 -1.52 6.56 3.52
CA ALA A 3 -1.08 5.73 4.63
C ALA A 3 -2.24 5.36 5.53
N GLY A 4 -3.28 4.81 4.93
CA GLY A 4 -4.47 4.41 5.67
C GLY A 4 -4.26 3.12 6.45
N HIS A 5 -5.09 2.12 6.17
CA HIS A 5 -4.98 0.84 6.85
C HIS A 5 -4.78 -0.30 5.85
N VAL A 6 -5.63 -0.38 4.84
CA VAL A 6 -5.50 -1.41 3.82
C VAL A 6 -4.60 -0.95 2.69
N PRO A 7 -3.65 -1.79 2.27
CA PRO A 7 -2.67 -1.45 1.22
C PRO A 7 -3.31 -1.08 -0.13
N GLU A 8 -2.73 -0.07 -0.77
CA GLU A 8 -3.18 0.41 -2.07
C GLU A 8 -2.40 -0.28 -3.17
N TYR A 9 -1.12 0.06 -3.28
CA TYR A 9 -0.25 -0.52 -4.29
C TYR A 9 0.94 -1.19 -3.63
N PHE A 10 1.38 -2.29 -4.23
CA PHE A 10 2.51 -3.05 -3.71
C PHE A 10 3.69 -2.93 -4.65
N VAL A 11 4.88 -2.92 -4.07
CA VAL A 11 6.12 -2.87 -4.83
C VAL A 11 6.39 -4.25 -5.42
N GLY A 12 7.11 -4.31 -6.53
CA GLY A 12 7.42 -5.57 -7.17
C GLY A 12 8.03 -6.61 -6.25
N ILE A 13 8.69 -6.14 -5.20
CA ILE A 13 9.33 -7.03 -4.23
C ILE A 13 8.32 -7.50 -3.16
N GLY A 14 7.06 -7.61 -3.57
CA GLY A 14 6.00 -8.06 -2.68
C GLY A 14 5.91 -7.27 -1.38
N THR A 15 5.86 -5.94 -1.48
CA THR A 15 5.77 -5.11 -0.30
C THR A 15 4.89 -3.87 -0.55
N PRO A 16 3.84 -3.67 0.26
CA PRO A 16 2.94 -2.53 0.11
C PRO A 16 3.64 -1.21 0.44
N ILE A 17 3.41 -0.19 -0.38
CA ILE A 17 4.02 1.11 -0.16
C ILE A 17 2.97 2.22 -0.21
N SER A 18 1.79 1.88 0.27
CA SER A 18 0.67 2.81 0.30
C SER A 18 -0.55 2.11 0.90
N PHE A 19 -1.41 2.86 1.58
CA PHE A 19 -2.61 2.30 2.20
C PHE A 19 -3.74 3.32 2.18
N TYR A 20 -4.95 2.85 2.44
CA TYR A 20 -6.14 3.70 2.48
C TYR A 20 -7.24 3.03 3.31
N GLY A 21 -8.49 3.29 2.97
CA GLY A 21 -9.60 2.70 3.68
C GLY A 21 -10.92 3.19 3.11
N GLY A 1 -2.48 4.70 -2.23
CA GLY A 1 -2.17 6.10 -2.49
C GLY A 1 -1.34 6.74 -1.39
N GLY A 2 -1.69 6.49 -0.14
CA GLY A 2 -0.96 7.09 0.97
C GLY A 2 -0.82 6.16 2.16
N ALA A 3 -1.33 6.59 3.30
CA ALA A 3 -1.26 5.79 4.51
C ALA A 3 -2.66 5.45 5.01
N GLY A 4 -2.81 4.26 5.58
CA GLY A 4 -4.10 3.84 6.08
C GLY A 4 -4.03 2.48 6.75
N HIS A 5 -4.85 1.56 6.26
CA HIS A 5 -4.88 0.20 6.81
C HIS A 5 -4.87 -0.82 5.68
N VAL A 6 -5.74 -0.61 4.69
CA VAL A 6 -5.80 -1.50 3.54
C VAL A 6 -4.84 -1.03 2.46
N PRO A 7 -3.99 -1.95 1.97
CA PRO A 7 -2.98 -1.64 0.93
C PRO A 7 -3.57 -1.09 -0.36
N GLU A 8 -2.91 -0.08 -0.91
CA GLU A 8 -3.33 0.53 -2.17
C GLU A 8 -2.67 -0.18 -3.35
N TYR A 9 -1.38 0.08 -3.53
CA TYR A 9 -0.63 -0.53 -4.62
C TYR A 9 0.60 -1.27 -4.10
N PHE A 10 0.80 -2.46 -4.62
CA PHE A 10 1.95 -3.28 -4.23
C PHE A 10 3.11 -3.00 -5.16
N VAL A 11 4.32 -3.26 -4.70
CA VAL A 11 5.51 -3.02 -5.51
C VAL A 11 6.29 -4.31 -5.71
N GLY A 12 7.44 -4.20 -6.37
CA GLY A 12 8.27 -5.36 -6.63
C GLY A 12 8.83 -6.00 -5.38
N ILE A 13 8.83 -5.26 -4.27
CA ILE A 13 9.35 -5.77 -3.01
C ILE A 13 8.29 -6.58 -2.27
N GLY A 14 7.28 -7.02 -3.01
CA GLY A 14 6.20 -7.82 -2.46
C GLY A 14 5.25 -7.04 -1.56
N THR A 15 5.80 -6.23 -0.70
CA THR A 15 5.00 -5.43 0.23
C THR A 15 4.60 -4.10 -0.39
N PRO A 16 3.33 -3.69 -0.19
CA PRO A 16 2.81 -2.43 -0.72
C PRO A 16 3.36 -1.22 0.03
N ILE A 17 3.66 -0.16 -0.70
CA ILE A 17 4.19 1.05 -0.09
C ILE A 17 3.12 2.14 -0.13
N SER A 18 1.89 1.70 0.10
CA SER A 18 0.74 2.60 0.11
C SER A 18 -0.47 1.90 0.68
N PHE A 19 -1.28 2.64 1.42
CA PHE A 19 -2.49 2.11 2.05
C PHE A 19 -3.55 3.20 2.09
N TYR A 20 -4.74 2.84 2.52
CA TYR A 20 -5.86 3.79 2.64
C TYR A 20 -6.89 3.26 3.63
N GLY A 21 -8.09 3.78 3.52
CA GLY A 21 -9.16 3.36 4.39
C GLY A 21 -10.45 4.07 4.05
#